data_9KB4
#
_entry.id   9KB4
#
_cell.length_a   88.286
_cell.length_b   88.286
_cell.length_c   143.524
_cell.angle_alpha   90.000
_cell.angle_beta   90.000
_cell.angle_gamma   120.000
#
_symmetry.space_group_name_H-M   'P 31 2 1'
#
loop_
_entity.id
_entity.type
_entity.pdbx_description
1 polymer 'Carbohydrate de-N-acetylated protein'
2 non-polymer 'CITRIC ACID'
3 non-polymer 'ZINC ION'
4 water water
#
_entity_poly.entity_id   1
_entity_poly.type   'polypeptide(L)'
_entity_poly.pdbx_seq_one_letter_code
;MQYDISQPVDTIIYQAKVFDGLGNAPVHMDVAIKGQQIVALGELSAYQATEEVNADGLCLAPGFIDVHTHDDLEVLRNPE
MAAKISQGVTTVITGNCGISAAPAELANDAPDPMNLLGEKAEFKFAQLRDYIDAYKVQKANVNVAALVGHTTLRNNVMAD
LLRPATAAEITLMQQQLDLALSQGALGLSTGLAYKNANQAPSSEVHAFGEVLKKHDALYTTHLRTEFDAVLDAMDEAFAM
EQAFDIKVIISHLKCAGKNNWGRAPELLAKFSEQGEHSKCSCDAYPYAASSSTLDLNQVTDDFDIFITWSDSHPEMAEQL
LADIAKQWGISLLDAAKQLQPAGAVYHGLNEDDVKTILAFDKTMIGSAGLPCDPHPHPRLWGSFPRVLGHYSREQGIFSL
ATAIHKMTGLSAANYRLANRGVIKVGHFADLVLFDADEIIDNATFVESALPASGIHQVWTNGQTTFKDKRVLPAYSGQFL
TSLGASKHD
;
_entity_poly.pdbx_strand_id   A
#
loop_
_chem_comp.id
_chem_comp.type
_chem_comp.name
_chem_comp.formula
CIT non-polymer 'CITRIC ACID' 'C6 H8 O7'
ZN non-polymer 'ZINC ION' 'Zn 2'
#
# COMPACT_ATOMS: atom_id res chain seq x y z
N GLN A 7 -14.71 7.47 -34.74
CA GLN A 7 -13.55 7.35 -35.62
C GLN A 7 -12.25 7.86 -34.98
N PRO A 8 -12.21 9.10 -34.48
CA PRO A 8 -10.97 9.65 -33.95
C PRO A 8 -10.74 9.25 -32.50
N VAL A 9 -9.52 9.51 -32.01
CA VAL A 9 -9.12 9.18 -30.66
C VAL A 9 -8.42 10.39 -30.05
N ASP A 10 -8.34 10.39 -28.72
CA ASP A 10 -7.76 11.56 -28.04
C ASP A 10 -6.26 11.58 -28.18
N THR A 11 -5.61 10.43 -28.00
CA THR A 11 -4.16 10.37 -27.92
C THR A 11 -3.71 9.05 -28.53
N ILE A 12 -2.59 9.07 -29.23
CA ILE A 12 -1.91 7.83 -29.59
C ILE A 12 -0.49 7.93 -29.08
N ILE A 13 -0.06 6.90 -28.37
CA ILE A 13 1.31 6.78 -27.89
C ILE A 13 2.04 5.90 -28.89
N TYR A 14 3.06 6.45 -29.56
CA TYR A 14 3.66 5.79 -30.71
C TYR A 14 4.97 5.14 -30.32
N GLN A 15 5.11 3.87 -30.70
CA GLN A 15 6.41 3.17 -30.75
C GLN A 15 7.00 2.87 -29.38
N ALA A 16 6.17 2.72 -28.35
CA ALA A 16 6.71 2.31 -27.07
C ALA A 16 6.86 0.78 -27.00
N LYS A 17 7.76 0.34 -26.12
CA LYS A 17 7.81 -1.04 -25.63
C LYS A 17 6.67 -1.21 -24.64
N VAL A 18 5.60 -1.88 -25.04
CA VAL A 18 4.37 -1.90 -24.25
C VAL A 18 4.32 -3.19 -23.44
N PHE A 19 4.27 -3.06 -22.10
CA PHE A 19 4.10 -4.18 -21.19
C PHE A 19 2.63 -4.33 -20.83
N ASP A 20 2.07 -5.53 -21.01
CA ASP A 20 0.64 -5.67 -20.80
C ASP A 20 0.26 -5.73 -19.33
N GLY A 21 1.22 -5.93 -18.42
CA GLY A 21 0.90 -6.06 -17.00
C GLY A 21 0.69 -7.49 -16.54
N LEU A 22 0.72 -8.47 -17.46
CA LEU A 22 0.47 -9.87 -17.15
C LEU A 22 1.76 -10.68 -17.03
N GLY A 23 2.92 -10.04 -17.09
CA GLY A 23 4.20 -10.71 -17.03
C GLY A 23 4.74 -11.17 -18.36
N ASN A 24 4.03 -10.90 -19.45
CA ASN A 24 4.44 -11.31 -20.78
C ASN A 24 5.52 -10.38 -21.35
N ALA A 25 6.25 -10.90 -22.34
CA ALA A 25 7.27 -10.08 -23.00
C ALA A 25 6.62 -8.81 -23.55
N PRO A 26 7.34 -7.69 -23.54
CA PRO A 26 6.78 -6.47 -24.11
C PRO A 26 6.68 -6.57 -25.62
N VAL A 27 5.79 -5.76 -26.19
CA VAL A 27 5.59 -5.68 -27.63
C VAL A 27 5.77 -4.23 -28.06
N HIS A 28 6.57 -4.01 -29.11
CA HIS A 28 6.71 -2.67 -29.68
C HIS A 28 5.48 -2.37 -30.51
N MET A 29 4.72 -1.36 -30.12
CA MET A 29 3.45 -1.06 -30.79
C MET A 29 2.93 0.29 -30.32
N ASP A 30 1.81 0.72 -30.90
CA ASP A 30 1.17 1.99 -30.56
C ASP A 30 -0.10 1.73 -29.76
N VAL A 31 -0.48 2.72 -28.93
CA VAL A 31 -1.61 2.60 -28.01
C VAL A 31 -2.49 3.84 -28.16
N ALA A 32 -3.80 3.63 -28.33
CA ALA A 32 -4.76 4.71 -28.51
C ALA A 32 -5.65 4.87 -27.29
N ILE A 33 -5.83 6.11 -26.88
CA ILE A 33 -6.69 6.47 -25.74
C ILE A 33 -7.85 7.31 -26.28
N LYS A 34 -9.06 6.98 -25.85
CA LYS A 34 -10.20 7.86 -26.06
C LYS A 34 -11.03 7.87 -24.79
N GLY A 35 -11.33 9.07 -24.30
CA GLY A 35 -12.06 9.17 -23.04
C GLY A 35 -11.24 8.58 -21.91
N GLN A 36 -11.85 7.65 -21.16
CA GLN A 36 -11.22 6.99 -20.04
C GLN A 36 -10.53 5.68 -20.41
N GLN A 37 -10.59 5.28 -21.68
CA GLN A 37 -10.38 3.89 -22.09
C GLN A 37 -9.21 3.75 -23.04
N ILE A 38 -8.55 2.60 -22.97
CA ILE A 38 -7.66 2.12 -24.03
C ILE A 38 -8.55 1.60 -25.14
N VAL A 39 -8.48 2.22 -26.33
CA VAL A 39 -9.40 1.87 -27.40
C VAL A 39 -8.75 1.11 -28.55
N ALA A 40 -7.43 1.15 -28.71
CA ALA A 40 -6.82 0.42 -29.81
C ALA A 40 -5.37 0.13 -29.48
N LEU A 41 -4.88 -1.01 -29.96
CA LEU A 41 -3.48 -1.41 -29.81
C LEU A 41 -2.97 -1.98 -31.12
N GLY A 42 -1.74 -1.62 -31.49
CA GLY A 42 -1.14 -2.11 -32.73
C GLY A 42 -0.30 -1.05 -33.42
N GLU A 43 -0.28 -1.05 -34.75
CA GLU A 43 0.35 0.04 -35.50
C GLU A 43 -0.77 0.95 -36.01
N LEU A 44 -0.82 2.18 -35.51
CA LEU A 44 -2.03 2.99 -35.59
C LEU A 44 -1.82 4.31 -36.33
N SER A 45 -0.95 4.34 -37.34
CA SER A 45 -0.79 5.59 -38.09
C SER A 45 -2.01 5.93 -38.93
N ALA A 46 -2.91 4.97 -39.15
CA ALA A 46 -4.17 5.18 -39.86
C ALA A 46 -5.28 5.74 -38.98
N TYR A 47 -5.00 6.03 -37.71
CA TYR A 47 -5.98 6.60 -36.80
C TYR A 47 -5.79 8.09 -36.68
N GLN A 48 -6.90 8.80 -36.46
CA GLN A 48 -6.88 10.25 -36.30
C GLN A 48 -6.85 10.54 -34.80
N ALA A 49 -5.72 11.05 -34.33
CA ALA A 49 -5.56 11.38 -32.92
C ALA A 49 -5.39 12.87 -32.77
N THR A 50 -6.08 13.44 -31.78
CA THR A 50 -5.90 14.84 -31.44
C THR A 50 -4.46 15.11 -31.02
N GLU A 51 -3.91 14.26 -30.15
CA GLU A 51 -2.57 14.41 -29.62
C GLU A 51 -1.73 13.18 -29.94
N GLU A 52 -0.44 13.41 -30.20
CA GLU A 52 0.49 12.35 -30.55
C GLU A 52 1.69 12.43 -29.61
N VAL A 53 2.02 11.29 -28.99
CA VAL A 53 3.12 11.17 -28.05
C VAL A 53 4.16 10.25 -28.67
N ASN A 54 5.38 10.75 -28.82
CA ASN A 54 6.46 9.96 -29.43
C ASN A 54 7.20 9.22 -28.32
N ALA A 55 6.91 7.93 -28.18
CA ALA A 55 7.46 7.10 -27.12
C ALA A 55 8.62 6.24 -27.59
N ASP A 56 9.21 6.57 -28.73
CA ASP A 56 10.33 5.79 -29.24
C ASP A 56 11.44 5.72 -28.19
N GLY A 57 11.91 4.51 -27.92
CA GLY A 57 12.90 4.30 -26.89
C GLY A 57 12.36 4.28 -25.48
N LEU A 58 11.06 4.38 -25.29
CA LEU A 58 10.43 4.38 -23.98
C LEU A 58 9.59 3.12 -23.79
N CYS A 59 9.15 2.91 -22.55
CA CYS A 59 8.28 1.80 -22.20
C CYS A 59 6.96 2.34 -21.69
N LEU A 60 5.89 1.62 -21.98
CA LEU A 60 4.55 1.93 -21.50
C LEU A 60 4.05 0.75 -20.69
N ALA A 61 3.52 1.04 -19.50
CA ALA A 61 3.03 0.00 -18.61
C ALA A 61 1.69 0.46 -18.05
N PRO A 62 0.87 -0.46 -17.51
CA PRO A 62 -0.32 -0.02 -16.78
C PRO A 62 0.12 0.85 -15.62
N GLY A 63 -0.78 1.74 -15.19
CA GLY A 63 -0.49 2.52 -14.00
C GLY A 63 -0.27 1.61 -12.80
N PHE A 64 0.65 2.00 -11.93
CA PHE A 64 1.01 1.16 -10.80
C PHE A 64 -0.06 1.25 -9.71
N ILE A 65 -0.29 0.13 -9.04
CA ILE A 65 -1.31 0.02 -8.01
C ILE A 65 -0.58 -0.12 -6.67
N ASP A 66 -0.73 0.87 -5.80
CA ASP A 66 -0.09 0.79 -4.49
C ASP A 66 -1.04 0.06 -3.56
N VAL A 67 -0.77 -1.22 -3.30
CA VAL A 67 -1.73 -2.03 -2.55
C VAL A 67 -1.61 -1.83 -1.06
N HIS A 68 -0.60 -1.10 -0.59
CA HIS A 68 -0.46 -0.90 0.86
C HIS A 68 -0.19 0.56 1.14
N THR A 69 -1.26 1.31 1.37
CA THR A 69 -1.12 2.72 1.71
C THR A 69 -1.87 3.02 2.99
N HIS A 70 -1.51 4.13 3.59
CA HIS A 70 -2.28 4.78 4.64
C HIS A 70 -2.75 6.13 4.14
N ASP A 71 -3.18 6.18 2.87
CA ASP A 71 -3.53 7.42 2.20
C ASP A 71 -5.00 7.81 2.39
N ASP A 72 -5.69 7.17 3.34
CA ASP A 72 -7.14 7.37 3.53
C ASP A 72 -7.50 8.85 3.52
N LEU A 73 -6.87 9.62 4.39
CA LEU A 73 -7.16 11.06 4.50
C LEU A 73 -6.25 11.91 3.65
N GLU A 74 -5.06 11.40 3.31
CA GLU A 74 -4.14 12.13 2.44
C GLU A 74 -4.78 12.43 1.09
N VAL A 75 -5.56 11.50 0.53
CA VAL A 75 -6.19 11.79 -0.77
C VAL A 75 -7.21 12.91 -0.68
N LEU A 76 -7.79 13.13 0.50
CA LEU A 76 -8.68 14.26 0.70
C LEU A 76 -7.91 15.56 0.93
N ARG A 77 -6.85 15.52 1.75
CA ARG A 77 -6.05 16.72 1.98
C ARG A 77 -5.29 17.14 0.72
N ASN A 78 -4.83 16.16 -0.06
CA ASN A 78 -3.78 16.37 -1.05
C ASN A 78 -4.14 15.58 -2.30
N PRO A 79 -5.18 16.02 -3.02
CA PRO A 79 -5.65 15.25 -4.18
C PRO A 79 -4.64 15.16 -5.32
N GLU A 80 -3.67 16.06 -5.40
CA GLU A 80 -2.61 15.93 -6.40
C GLU A 80 -1.79 14.67 -6.19
N MET A 81 -1.57 14.28 -4.93
CA MET A 81 -0.92 13.01 -4.59
C MET A 81 0.45 12.86 -5.26
N ALA A 82 1.28 13.90 -5.16
CA ALA A 82 2.55 13.91 -5.89
C ALA A 82 3.46 12.75 -5.48
N ALA A 83 3.46 12.37 -4.19
CA ALA A 83 4.36 11.30 -3.74
C ALA A 83 4.08 10.01 -4.50
N LYS A 84 2.82 9.74 -4.80
CA LYS A 84 2.46 8.53 -5.54
C LYS A 84 2.51 8.73 -7.06
N ILE A 85 1.94 9.85 -7.53
CA ILE A 85 1.85 10.11 -8.97
C ILE A 85 3.25 10.21 -9.59
N SER A 86 4.19 10.83 -8.90
CA SER A 86 5.54 10.95 -9.43
C SER A 86 6.26 9.62 -9.53
N GLN A 87 5.74 8.57 -8.89
CA GLN A 87 6.26 7.22 -9.00
C GLN A 87 5.57 6.39 -10.06
N GLY A 88 4.52 6.92 -10.68
CA GLY A 88 3.74 6.14 -11.62
C GLY A 88 2.52 5.47 -11.04
N VAL A 89 2.21 5.72 -9.77
CA VAL A 89 1.07 5.08 -9.10
C VAL A 89 -0.22 5.81 -9.49
N THR A 90 -1.21 5.05 -9.98
CA THR A 90 -2.48 5.63 -10.37
C THR A 90 -3.64 5.17 -9.51
N THR A 91 -3.45 4.15 -8.66
CA THR A 91 -4.49 3.62 -7.77
C THR A 91 -3.88 3.32 -6.40
N VAL A 92 -4.57 3.71 -5.32
CA VAL A 92 -4.13 3.38 -3.98
C VAL A 92 -5.20 2.55 -3.28
N ILE A 93 -4.75 1.56 -2.51
CA ILE A 93 -5.63 0.79 -1.62
C ILE A 93 -5.44 1.35 -0.22
N THR A 94 -6.51 1.83 0.38
CA THR A 94 -6.48 2.49 1.67
C THR A 94 -7.08 1.59 2.74
N GLY A 95 -6.95 1.99 4.00
CA GLY A 95 -7.63 1.26 5.07
C GLY A 95 -6.89 0.03 5.55
N ASN A 96 -5.56 0.09 5.58
CA ASN A 96 -4.72 -1.06 5.88
C ASN A 96 -4.33 -1.14 7.35
N CYS A 97 -3.90 -2.34 7.76
CA CYS A 97 -3.33 -2.59 9.09
C CYS A 97 -4.31 -2.26 10.21
N GLY A 98 -5.60 -2.44 9.96
CA GLY A 98 -6.60 -2.25 10.98
C GLY A 98 -7.15 -0.85 11.15
N ILE A 99 -6.67 0.14 10.39
CA ILE A 99 -7.14 1.51 10.58
C ILE A 99 -7.66 2.07 9.26
N SER A 100 -8.82 2.71 9.31
CA SER A 100 -9.42 3.34 8.14
C SER A 100 -10.05 4.66 8.55
N ALA A 101 -10.22 5.56 7.58
CA ALA A 101 -10.92 6.82 7.83
C ALA A 101 -12.40 6.60 8.07
N ALA A 102 -12.97 5.50 7.59
CA ALA A 102 -14.40 5.22 7.67
C ALA A 102 -14.61 3.72 7.82
N PRO A 103 -15.73 3.30 8.43
CA PRO A 103 -16.69 4.11 9.18
C PRO A 103 -16.13 4.36 10.57
N ALA A 104 -15.97 5.62 10.98
CA ALA A 104 -15.32 5.93 12.23
C ALA A 104 -16.00 7.10 12.91
N GLU A 105 -16.38 6.91 14.16
CA GLU A 105 -16.81 8.00 15.02
C GLU A 105 -15.88 8.03 16.23
N LEU A 106 -15.22 9.16 16.44
CA LEU A 106 -14.27 9.32 17.54
C LEU A 106 -14.94 10.01 18.72
N ALA A 107 -14.59 9.58 19.93
CA ALA A 107 -15.09 10.22 21.14
C ALA A 107 -14.20 11.39 21.51
N ASN A 108 -13.03 11.09 22.08
CA ASN A 108 -12.11 12.09 22.60
C ASN A 108 -10.88 12.27 21.71
N ASP A 109 -10.27 11.16 21.29
CA ASP A 109 -9.03 11.21 20.53
C ASP A 109 -9.08 10.08 19.51
N ALA A 110 -8.11 10.09 18.60
CA ALA A 110 -7.94 8.96 17.70
C ALA A 110 -6.95 7.98 18.32
N PRO A 111 -7.37 6.76 18.65
CA PRO A 111 -6.45 5.82 19.28
C PRO A 111 -5.35 5.37 18.32
N ASP A 112 -4.16 5.15 18.88
CA ASP A 112 -3.06 4.64 18.06
C ASP A 112 -3.48 3.34 17.38
N PRO A 113 -3.13 3.13 16.12
CA PRO A 113 -2.29 3.97 15.25
C PRO A 113 -3.08 4.87 14.31
N MET A 114 -4.32 5.28 14.60
CA MET A 114 -5.04 6.10 13.64
C MET A 114 -4.37 7.44 13.36
N ASN A 115 -3.43 7.88 14.20
CA ASN A 115 -2.68 9.10 13.89
C ASN A 115 -1.81 8.94 12.65
N LEU A 116 -1.57 7.71 12.19
CA LEU A 116 -0.88 7.51 10.93
C LEU A 116 -1.70 8.06 9.77
N LEU A 117 -3.01 8.22 9.94
CA LEU A 117 -3.87 8.70 8.87
C LEU A 117 -3.99 10.22 8.86
N GLY A 118 -4.14 10.83 10.03
CA GLY A 118 -4.35 12.26 10.13
C GLY A 118 -4.74 12.64 11.54
N GLU A 119 -5.13 13.89 11.71
CA GLU A 119 -5.51 14.39 13.03
C GLU A 119 -6.99 14.12 13.31
N LYS A 120 -7.34 14.11 14.60
CA LYS A 120 -8.63 13.57 15.00
C LYS A 120 -9.79 14.32 14.34
N ALA A 121 -9.64 15.63 14.13
CA ALA A 121 -10.72 16.39 13.51
C ALA A 121 -10.97 15.99 12.07
N GLU A 122 -10.00 15.37 11.37
CA GLU A 122 -10.23 14.97 9.99
C GLU A 122 -11.19 13.80 9.87
N PHE A 123 -11.43 13.05 10.95
CA PHE A 123 -12.28 11.86 10.89
C PHE A 123 -13.74 12.29 10.97
N LYS A 124 -14.31 12.56 9.80
CA LYS A 124 -15.64 13.14 9.67
C LYS A 124 -16.60 12.19 8.95
N PHE A 125 -16.34 10.88 9.00
CA PHE A 125 -17.02 9.93 8.13
C PHE A 125 -17.59 8.78 8.97
N ALA A 126 -18.76 9.01 9.57
CA ALA A 126 -19.39 7.96 10.38
C ALA A 126 -19.74 6.75 9.55
N GLN A 127 -19.95 6.93 8.25
CA GLN A 127 -20.20 5.83 7.34
C GLN A 127 -19.27 5.95 6.14
N LEU A 128 -19.02 4.81 5.48
CA LEU A 128 -18.18 4.81 4.28
C LEU A 128 -18.77 5.74 3.21
N ARG A 129 -20.10 5.74 3.07
CA ARG A 129 -20.72 6.62 2.09
C ARG A 129 -20.34 8.08 2.34
N ASP A 130 -20.18 8.48 3.60
CA ASP A 130 -19.70 9.84 3.88
C ASP A 130 -18.31 10.05 3.31
N TYR A 131 -17.45 9.03 3.41
CA TYR A 131 -16.09 9.18 2.91
C TYR A 131 -16.08 9.24 1.38
N ILE A 132 -16.89 8.41 0.72
CA ILE A 132 -16.97 8.44 -0.73
C ILE A 132 -17.50 9.79 -1.22
N ASP A 133 -18.51 10.34 -0.54
CA ASP A 133 -18.99 11.69 -0.86
C ASP A 133 -17.87 12.71 -0.75
N ALA A 134 -17.06 12.62 0.31
CA ALA A 134 -15.95 13.55 0.48
C ALA A 134 -14.93 13.40 -0.65
N TYR A 135 -14.59 12.17 -1.00
CA TYR A 135 -13.68 11.96 -2.13
C TYR A 135 -14.22 12.57 -3.40
N LYS A 136 -15.52 12.41 -3.64
CA LYS A 136 -16.10 12.89 -4.89
C LYS A 136 -16.18 14.40 -4.98
N VAL A 137 -15.91 15.13 -3.89
CA VAL A 137 -15.92 16.60 -3.95
C VAL A 137 -14.87 17.10 -4.94
N GLN A 138 -13.63 16.62 -4.83
CA GLN A 138 -12.59 16.97 -5.77
C GLN A 138 -12.09 15.80 -6.59
N LYS A 139 -12.44 14.56 -6.22
CA LYS A 139 -11.71 13.38 -6.65
C LYS A 139 -10.22 13.61 -6.39
N ALA A 140 -9.37 12.91 -7.12
CA ALA A 140 -7.95 12.95 -6.84
C ALA A 140 -7.24 12.46 -8.09
N ASN A 141 -5.92 12.64 -8.11
CA ASN A 141 -5.13 12.11 -9.22
C ASN A 141 -5.00 10.59 -9.20
N VAL A 142 -5.32 9.92 -8.09
CA VAL A 142 -5.31 8.47 -8.01
C VAL A 142 -6.74 7.96 -7.81
N ASN A 143 -7.01 6.79 -8.38
CA ASN A 143 -8.17 6.00 -7.96
C ASN A 143 -7.99 5.55 -6.51
N VAL A 144 -9.11 5.31 -5.82
CA VAL A 144 -9.10 4.87 -4.43
C VAL A 144 -10.02 3.66 -4.28
N ALA A 145 -9.50 2.63 -3.63
CA ALA A 145 -10.30 1.49 -3.19
C ALA A 145 -10.00 1.32 -1.71
N ALA A 146 -11.04 1.09 -0.91
CA ALA A 146 -10.93 1.26 0.54
C ALA A 146 -11.29 -0.03 1.27
N LEU A 147 -10.43 -0.41 2.21
CA LEU A 147 -10.72 -1.45 3.18
C LEU A 147 -11.22 -0.79 4.47
N VAL A 148 -11.87 -1.60 5.30
CA VAL A 148 -12.34 -1.18 6.62
C VAL A 148 -11.37 -1.72 7.66
N GLY A 149 -10.95 -0.87 8.59
CA GLY A 149 -10.02 -1.29 9.62
C GLY A 149 -10.70 -1.86 10.84
N HIS A 150 -10.27 -3.06 11.24
CA HIS A 150 -10.81 -3.72 12.44
C HIS A 150 -10.58 -2.87 13.70
N THR A 151 -9.40 -2.27 13.85
CA THR A 151 -9.16 -1.43 15.03
C THR A 151 -10.09 -0.23 15.03
N THR A 152 -10.35 0.33 13.85
CA THR A 152 -11.31 1.44 13.75
C THR A 152 -12.71 1.00 14.16
N LEU A 153 -13.12 -0.19 13.75
CA LEU A 153 -14.41 -0.73 14.20
C LEU A 153 -14.42 -0.96 15.70
N ARG A 154 -13.33 -1.47 16.26
CA ARG A 154 -13.26 -1.64 17.72
C ARG A 154 -13.43 -0.31 18.44
N ASN A 155 -12.76 0.74 17.94
CA ASN A 155 -12.85 2.03 18.62
C ASN A 155 -14.25 2.61 18.57
N ASN A 156 -15.04 2.22 17.56
CA ASN A 156 -16.42 2.70 17.45
C ASN A 156 -17.29 2.20 18.60
N VAL A 157 -17.00 1.02 19.14
CA VAL A 157 -17.90 0.37 20.09
C VAL A 157 -17.26 0.10 21.44
N MET A 158 -15.95 0.25 21.58
CA MET A 158 -15.24 -0.01 22.83
C MET A 158 -14.61 1.29 23.31
N ALA A 159 -14.87 1.67 24.57
CA ALA A 159 -14.12 2.79 25.14
C ALA A 159 -12.77 2.33 25.67
N ASP A 160 -12.72 1.13 26.26
CA ASP A 160 -11.49 0.51 26.71
C ASP A 160 -11.08 -0.52 25.66
N LEU A 161 -9.96 -0.27 24.99
CA LEU A 161 -9.51 -1.13 23.90
C LEU A 161 -8.59 -2.25 24.35
N LEU A 162 -8.20 -2.25 25.63
CA LEU A 162 -7.19 -3.18 26.12
C LEU A 162 -7.84 -4.44 26.66
N ARG A 163 -8.53 -5.16 25.76
CA ARG A 163 -9.33 -6.33 26.13
C ARG A 163 -9.94 -6.91 24.85
N PRO A 164 -10.43 -8.14 24.89
CA PRO A 164 -11.33 -8.61 23.84
C PRO A 164 -12.59 -7.76 23.80
N ALA A 165 -13.17 -7.64 22.60
CA ALA A 165 -14.51 -7.08 22.50
C ALA A 165 -15.51 -8.09 23.05
N THR A 166 -16.62 -7.58 23.60
CA THR A 166 -17.68 -8.49 24.04
C THR A 166 -18.38 -9.07 22.82
N ALA A 167 -19.10 -10.17 23.04
CA ALA A 167 -19.89 -10.74 21.95
C ALA A 167 -20.88 -9.72 21.40
N ALA A 168 -21.44 -8.87 22.28
CA ALA A 168 -22.37 -7.86 21.81
C ALA A 168 -21.66 -6.79 20.98
N GLU A 169 -20.45 -6.40 21.39
CA GLU A 169 -19.67 -5.45 20.59
C GLU A 169 -19.29 -6.06 19.24
N ILE A 170 -18.96 -7.35 19.22
CA ILE A 170 -18.68 -8.03 17.95
C ILE A 170 -19.88 -7.98 17.01
N THR A 171 -21.09 -8.18 17.56
CA THR A 171 -22.30 -8.10 16.74
C THR A 171 -22.43 -6.72 16.09
N LEU A 172 -22.14 -5.65 16.84
CA LEU A 172 -22.19 -4.31 16.25
C LEU A 172 -21.12 -4.14 15.17
N MET A 173 -19.90 -4.63 15.42
CA MET A 173 -18.86 -4.51 14.41
C MET A 173 -19.21 -5.28 13.14
N GLN A 174 -19.80 -6.47 13.29
CA GLN A 174 -20.23 -7.23 12.11
C GLN A 174 -21.21 -6.42 11.27
N GLN A 175 -22.18 -5.79 11.93
CA GLN A 175 -23.17 -5.00 11.21
C GLN A 175 -22.53 -3.78 10.56
N GLN A 176 -21.57 -3.14 11.25
CA GLN A 176 -20.90 -1.97 10.66
C GLN A 176 -20.07 -2.35 9.46
N LEU A 177 -19.38 -3.50 9.51
CA LEU A 177 -18.62 -3.96 8.35
C LEU A 177 -19.58 -4.30 7.21
N ASP A 178 -20.64 -5.03 7.52
CA ASP A 178 -21.62 -5.38 6.51
C ASP A 178 -22.14 -4.15 5.78
N LEU A 179 -22.44 -3.08 6.52
CA LEU A 179 -22.89 -1.85 5.89
C LEU A 179 -21.78 -1.19 5.07
N ALA A 180 -20.55 -1.18 5.59
CA ALA A 180 -19.46 -0.61 4.82
C ALA A 180 -19.22 -1.38 3.53
N LEU A 181 -19.28 -2.72 3.59
CA LEU A 181 -19.09 -3.51 2.38
C LEU A 181 -20.18 -3.22 1.35
N SER A 182 -21.43 -3.13 1.81
CA SER A 182 -22.54 -2.79 0.91
C SER A 182 -22.35 -1.41 0.30
N GLN A 183 -21.74 -0.47 1.02
CA GLN A 183 -21.53 0.87 0.50
C GLN A 183 -20.27 0.99 -0.36
N GLY A 184 -19.51 -0.09 -0.50
CA GLY A 184 -18.42 -0.07 -1.46
C GLY A 184 -17.05 -0.50 -0.96
N ALA A 185 -16.90 -0.84 0.33
CA ALA A 185 -15.58 -1.23 0.82
C ALA A 185 -15.17 -2.58 0.25
N LEU A 186 -13.85 -2.76 0.11
CA LEU A 186 -13.29 -3.97 -0.49
C LEU A 186 -13.27 -5.14 0.49
N GLY A 187 -13.16 -4.87 1.77
CA GLY A 187 -12.96 -5.93 2.73
C GLY A 187 -12.50 -5.35 4.07
N LEU A 188 -11.92 -6.21 4.90
CA LEU A 188 -11.49 -5.87 6.25
C LEU A 188 -9.97 -6.02 6.38
N SER A 189 -9.33 -5.09 7.08
CA SER A 189 -7.94 -5.24 7.45
C SER A 189 -7.81 -5.35 8.97
N THR A 190 -6.78 -6.05 9.43
CA THR A 190 -6.43 -6.08 10.84
C THR A 190 -4.99 -5.65 11.02
N GLY A 191 -4.70 -5.17 12.22
CA GLY A 191 -3.33 -4.88 12.63
C GLY A 191 -3.12 -5.43 14.02
N LEU A 192 -2.88 -6.74 14.12
CA LEU A 192 -2.99 -7.40 15.41
C LEU A 192 -1.78 -7.20 16.30
N ALA A 193 -0.69 -6.65 15.78
CA ALA A 193 0.47 -6.35 16.60
C ALA A 193 0.27 -5.09 17.45
N TYR A 194 -0.64 -4.20 17.04
CA TYR A 194 -0.82 -2.92 17.73
C TYR A 194 -1.54 -3.12 19.04
N LYS A 195 -1.15 -2.32 20.04
CA LYS A 195 -1.66 -2.54 21.39
C LYS A 195 -3.17 -2.47 21.46
N ASN A 196 -3.81 -1.66 20.61
CA ASN A 196 -5.25 -1.46 20.69
C ASN A 196 -6.05 -2.51 19.94
N ALA A 197 -5.38 -3.45 19.29
CA ALA A 197 -6.03 -4.62 18.71
C ALA A 197 -5.46 -5.94 19.23
N ASN A 198 -4.32 -5.93 19.93
CA ASN A 198 -3.59 -7.15 20.25
C ASN A 198 -4.36 -8.07 21.19
N GLN A 199 -5.24 -7.52 22.02
CA GLN A 199 -6.04 -8.37 22.88
C GLN A 199 -7.28 -8.91 22.20
N ALA A 200 -7.49 -8.60 20.92
CA ALA A 200 -8.51 -9.31 20.14
C ALA A 200 -8.02 -10.74 19.89
N PRO A 201 -8.73 -11.76 20.36
CA PRO A 201 -8.34 -13.14 20.04
C PRO A 201 -8.68 -13.48 18.60
N SER A 202 -8.10 -14.58 18.12
CA SER A 202 -8.43 -15.06 16.78
C SER A 202 -9.93 -15.19 16.56
N SER A 203 -10.66 -15.60 17.60
CA SER A 203 -12.10 -15.78 17.43
C SER A 203 -12.80 -14.46 17.13
N GLU A 204 -12.26 -13.35 17.61
CA GLU A 204 -12.86 -12.06 17.29
C GLU A 204 -12.72 -11.75 15.81
N VAL A 205 -11.54 -12.02 15.24
CA VAL A 205 -11.36 -11.80 13.80
C VAL A 205 -12.23 -12.75 13.00
N HIS A 206 -12.31 -14.01 13.45
CA HIS A 206 -13.14 -15.00 12.76
C HIS A 206 -14.60 -14.61 12.72
N ALA A 207 -15.06 -13.83 13.69
CA ALA A 207 -16.45 -13.42 13.70
C ALA A 207 -16.83 -12.55 12.50
N PHE A 208 -15.84 -12.03 11.76
CA PHE A 208 -16.15 -11.26 10.56
C PHE A 208 -16.19 -12.11 9.29
N GLY A 209 -15.81 -13.40 9.37
CA GLY A 209 -15.62 -14.18 8.17
C GLY A 209 -16.90 -14.40 7.37
N GLU A 210 -18.01 -14.67 8.07
CA GLU A 210 -19.26 -14.89 7.34
C GLU A 210 -19.70 -13.63 6.59
N VAL A 211 -19.53 -12.45 7.19
CA VAL A 211 -19.84 -11.21 6.48
C VAL A 211 -18.96 -11.05 5.24
N LEU A 212 -17.64 -11.25 5.40
CA LEU A 212 -16.74 -11.14 4.26
C LEU A 212 -17.11 -12.13 3.17
N LYS A 213 -17.36 -13.38 3.54
CA LYS A 213 -17.72 -14.40 2.56
C LYS A 213 -19.00 -14.03 1.82
N LYS A 214 -19.98 -13.47 2.53
CA LYS A 214 -21.26 -13.12 1.92
C LYS A 214 -21.09 -12.05 0.84
N HIS A 215 -20.14 -11.12 1.03
CA HIS A 215 -19.88 -10.07 0.07
C HIS A 215 -18.76 -10.42 -0.90
N ASP A 216 -18.22 -11.63 -0.82
CA ASP A 216 -17.05 -12.03 -1.61
C ASP A 216 -15.92 -11.01 -1.45
N ALA A 217 -15.67 -10.62 -0.21
CA ALA A 217 -14.78 -9.53 0.13
C ALA A 217 -13.42 -10.05 0.60
N LEU A 218 -12.48 -9.11 0.70
CA LEU A 218 -11.08 -9.41 1.00
C LEU A 218 -10.76 -9.32 2.49
N TYR A 219 -9.74 -10.04 2.90
CA TYR A 219 -9.19 -9.91 4.24
C TYR A 219 -7.69 -9.64 4.13
N THR A 220 -7.23 -8.53 4.71
CA THR A 220 -5.81 -8.20 4.72
C THR A 220 -5.32 -8.06 6.15
N THR A 221 -4.05 -8.37 6.37
CA THR A 221 -3.61 -8.40 7.75
C THR A 221 -2.15 -8.01 7.92
N HIS A 222 -1.95 -7.05 8.84
CA HIS A 222 -0.68 -6.82 9.52
C HIS A 222 -0.59 -7.85 10.63
N LEU A 223 0.38 -8.77 10.54
CA LEU A 223 0.40 -9.96 11.39
C LEU A 223 0.56 -9.60 12.87
N ARG A 224 0.15 -10.54 13.73
CA ARG A 224 0.21 -10.29 15.17
C ARG A 224 1.64 -10.10 15.64
N THR A 225 2.60 -10.76 15.00
CA THR A 225 4.01 -10.47 15.23
C THR A 225 4.76 -10.77 13.94
N GLU A 226 5.80 -9.98 13.67
CA GLU A 226 6.68 -10.22 12.53
C GLU A 226 8.10 -10.54 12.98
N PHE A 227 8.26 -10.90 14.24
CA PHE A 227 9.56 -11.18 14.84
C PHE A 227 9.68 -12.69 15.05
N ASP A 228 10.06 -13.18 16.23
CA ASP A 228 10.42 -14.60 16.38
C ASP A 228 9.28 -15.53 15.99
N ALA A 229 8.05 -15.21 16.37
CA ALA A 229 6.91 -16.09 16.19
C ALA A 229 6.11 -15.78 14.92
N VAL A 230 6.76 -15.20 13.91
CA VAL A 230 6.06 -14.76 12.70
C VAL A 230 5.36 -15.94 12.01
N LEU A 231 5.94 -17.15 12.06
CA LEU A 231 5.30 -18.27 11.38
C LEU A 231 3.99 -18.65 12.07
N ASP A 232 3.95 -18.59 13.40
CA ASP A 232 2.69 -18.80 14.12
C ASP A 232 1.66 -17.74 13.73
N ALA A 233 2.10 -16.49 13.62
CA ALA A 233 1.19 -15.41 13.26
C ALA A 233 0.59 -15.65 11.88
N MET A 234 1.38 -16.22 10.96
CA MET A 234 0.88 -16.55 9.63
C MET A 234 -0.23 -17.59 9.68
N ASP A 235 -0.11 -18.59 10.57
CA ASP A 235 -1.18 -19.57 10.79
C ASP A 235 -2.52 -18.90 11.01
N GLU A 236 -2.53 -17.80 11.76
CA GLU A 236 -3.76 -17.07 12.04
C GLU A 236 -4.40 -16.56 10.76
N ALA A 237 -3.59 -16.01 9.86
CA ALA A 237 -4.12 -15.51 8.60
C ALA A 237 -4.66 -16.64 7.74
N PHE A 238 -3.94 -17.76 7.68
CA PHE A 238 -4.41 -18.88 6.87
C PHE A 238 -5.73 -19.42 7.38
N ALA A 239 -5.97 -19.36 8.70
CA ALA A 239 -7.21 -19.88 9.27
C ALA A 239 -8.45 -19.14 8.74
N MET A 240 -8.34 -17.83 8.47
CA MET A 240 -9.40 -17.10 7.77
C MET A 240 -9.68 -17.70 6.40
N GLU A 241 -8.64 -17.98 5.64
CA GLU A 241 -8.83 -18.58 4.32
C GLU A 241 -9.48 -19.96 4.43
N GLN A 242 -8.98 -20.78 5.35
CA GLN A 242 -9.51 -22.13 5.51
C GLN A 242 -10.97 -22.12 5.95
N ALA A 243 -11.32 -21.24 6.90
CA ALA A 243 -12.67 -21.25 7.45
C ALA A 243 -13.72 -20.67 6.50
N PHE A 244 -13.37 -19.65 5.72
CA PHE A 244 -14.37 -18.94 4.95
C PHE A 244 -14.13 -18.92 3.45
N ASP A 245 -13.02 -19.48 2.97
CA ASP A 245 -12.69 -19.49 1.54
C ASP A 245 -12.77 -18.07 0.96
N ILE A 246 -12.10 -17.13 1.63
CA ILE A 246 -12.00 -15.76 1.14
C ILE A 246 -10.55 -15.47 0.77
N LYS A 247 -10.37 -14.41 -0.02
CA LYS A 247 -9.05 -13.95 -0.41
C LYS A 247 -8.37 -13.30 0.78
N VAL A 248 -7.15 -13.75 1.09
CA VAL A 248 -6.37 -13.22 2.20
C VAL A 248 -5.08 -12.66 1.65
N ILE A 249 -4.70 -11.46 2.11
CA ILE A 249 -3.44 -10.84 1.74
C ILE A 249 -2.68 -10.50 3.02
N ILE A 250 -1.46 -11.01 3.15
CA ILE A 250 -0.58 -10.64 4.25
C ILE A 250 0.21 -9.39 3.87
N SER A 251 0.04 -8.32 4.66
CA SER A 251 0.67 -7.03 4.40
C SER A 251 2.16 -7.05 4.77
N HIS A 252 2.95 -6.28 4.00
CA HIS A 252 4.39 -6.06 4.19
C HIS A 252 5.10 -7.24 4.84
N LEU A 253 5.15 -8.35 4.10
CA LEU A 253 5.80 -9.56 4.60
C LEU A 253 7.27 -9.32 4.85
N LYS A 254 7.75 -9.77 6.01
CA LYS A 254 9.13 -9.56 6.44
C LYS A 254 9.43 -10.53 7.57
N CYS A 255 10.71 -10.83 7.76
CA CYS A 255 11.16 -11.46 9.01
C CYS A 255 12.07 -10.44 9.70
N ALA A 256 11.54 -9.80 10.73
CA ALA A 256 12.20 -8.70 11.40
C ALA A 256 12.98 -9.19 12.60
N GLY A 257 14.02 -8.44 12.97
CA GLY A 257 14.82 -8.79 14.13
C GLY A 257 16.09 -9.53 13.76
N LYS A 258 17.20 -9.19 14.40
CA LYS A 258 18.47 -9.86 14.09
C LYS A 258 18.36 -11.37 14.23
N ASN A 259 17.56 -11.85 15.20
CA ASN A 259 17.29 -13.27 15.40
C ASN A 259 16.85 -13.96 14.12
N ASN A 260 16.16 -13.24 13.25
CA ASN A 260 15.43 -13.86 12.16
C ASN A 260 15.99 -13.55 10.79
N TRP A 261 17.13 -12.86 10.72
CA TRP A 261 17.75 -12.60 9.44
C TRP A 261 18.13 -13.93 8.81
N GLY A 262 17.79 -14.07 7.54
CA GLY A 262 18.04 -15.28 6.80
C GLY A 262 16.87 -16.26 6.76
N ARG A 263 15.75 -15.96 7.43
CA ARG A 263 14.62 -16.86 7.50
C ARG A 263 13.62 -16.70 6.38
N ALA A 264 13.87 -15.85 5.38
CA ALA A 264 12.86 -15.66 4.33
C ALA A 264 12.40 -16.96 3.66
N PRO A 265 13.27 -17.94 3.38
CA PRO A 265 12.76 -19.22 2.84
C PRO A 265 11.72 -19.89 3.73
N GLU A 266 11.84 -19.78 5.06
CA GLU A 266 10.83 -20.35 5.94
C GLU A 266 9.47 -19.69 5.71
N LEU A 267 9.48 -18.37 5.46
CA LEU A 267 8.21 -17.68 5.23
C LEU A 267 7.60 -18.13 3.91
N LEU A 268 8.43 -18.31 2.89
CA LEU A 268 7.94 -18.80 1.62
C LEU A 268 7.35 -20.20 1.77
N ALA A 269 8.05 -21.06 2.50
CA ALA A 269 7.59 -22.44 2.66
C ALA A 269 6.32 -22.52 3.50
N LYS A 270 6.09 -21.55 4.37
CA LYS A 270 4.89 -21.55 5.20
C LYS A 270 3.61 -21.55 4.36
N PHE A 271 3.65 -20.99 3.15
CA PHE A 271 2.45 -21.03 2.32
C PHE A 271 2.03 -22.45 1.96
N SER A 272 2.90 -23.45 2.13
CA SER A 272 2.47 -24.83 1.91
C SER A 272 1.48 -25.34 2.97
N GLU A 273 1.30 -24.60 4.05
CA GLU A 273 0.42 -25.01 5.14
C GLU A 273 -0.99 -24.42 5.05
N GLN A 274 -1.37 -23.87 3.89
CA GLN A 274 -2.67 -23.20 3.81
C GLN A 274 -3.84 -24.17 3.87
N GLY A 275 -3.67 -25.41 3.41
CA GLY A 275 -4.79 -26.32 3.40
C GLY A 275 -5.42 -26.47 2.03
N GLU A 276 -6.75 -26.65 1.98
CA GLU A 276 -7.42 -26.95 0.71
C GLU A 276 -7.34 -25.78 -0.25
N HIS A 277 -7.43 -24.56 0.25
CA HIS A 277 -7.35 -23.38 -0.60
C HIS A 277 -5.92 -22.87 -0.61
N SER A 278 -5.51 -22.32 -1.74
CA SER A 278 -4.12 -21.97 -1.94
C SER A 278 -4.01 -20.56 -2.50
N LYS A 279 -4.89 -19.67 -2.04
CA LYS A 279 -5.08 -18.37 -2.66
C LYS A 279 -4.54 -17.21 -1.84
N CYS A 280 -3.93 -17.45 -0.67
CA CYS A 280 -3.29 -16.36 0.07
C CYS A 280 -2.21 -15.68 -0.76
N SER A 281 -2.17 -14.35 -0.67
CA SER A 281 -1.16 -13.52 -1.32
C SER A 281 -0.45 -12.68 -0.25
N CYS A 282 0.50 -11.87 -0.71
CA CYS A 282 1.24 -11.02 0.22
C CYS A 282 1.76 -9.82 -0.56
N ASP A 283 2.21 -8.81 0.17
CA ASP A 283 2.86 -7.67 -0.46
C ASP A 283 4.05 -7.27 0.39
N ALA A 284 4.93 -6.44 -0.18
CA ALA A 284 6.15 -6.04 0.47
C ALA A 284 6.60 -4.70 -0.09
N TYR A 285 7.31 -3.93 0.75
CA TYR A 285 7.99 -2.76 0.22
C TYR A 285 9.46 -3.06 0.01
N PRO A 286 10.14 -2.40 -0.94
CA PRO A 286 11.49 -2.83 -1.37
C PRO A 286 12.63 -2.18 -0.59
N TYR A 287 12.61 -2.33 0.74
CA TYR A 287 13.60 -1.73 1.61
C TYR A 287 13.91 -2.68 2.75
N ALA A 288 15.11 -2.57 3.31
CA ALA A 288 15.50 -3.39 4.46
C ALA A 288 15.36 -2.61 5.77
N ALA A 289 14.45 -1.65 5.80
CA ALA A 289 14.21 -0.81 6.96
C ALA A 289 12.72 -0.56 7.07
N SER A 290 12.20 -0.67 8.28
CA SER A 290 10.78 -0.44 8.56
C SER A 290 10.61 0.95 9.16
N SER A 291 9.35 1.34 9.37
CA SER A 291 9.12 2.68 9.91
C SER A 291 7.77 2.70 10.61
N SER A 292 7.73 3.27 11.81
CA SER A 292 6.52 3.28 12.62
C SER A 292 6.76 4.24 13.78
N THR A 293 5.80 4.32 14.68
CA THR A 293 6.05 5.08 15.90
C THR A 293 7.20 4.45 16.65
N LEU A 294 7.93 5.28 17.39
CA LEU A 294 8.95 4.76 18.28
C LEU A 294 8.32 3.90 19.35
N ASP A 295 8.66 2.61 19.37
CA ASP A 295 8.06 1.64 20.27
C ASP A 295 9.14 1.01 21.12
N LEU A 296 8.96 1.04 22.44
CA LEU A 296 9.99 0.55 23.35
C LEU A 296 10.31 -0.91 23.09
N ASN A 297 9.35 -1.68 22.57
CA ASN A 297 9.58 -3.10 22.34
C ASN A 297 10.51 -3.36 21.17
N GLN A 298 10.65 -2.39 20.28
CA GLN A 298 11.54 -2.53 19.13
C GLN A 298 12.92 -1.94 19.37
N VAL A 299 13.13 -1.25 20.49
CA VAL A 299 14.42 -0.65 20.77
C VAL A 299 15.48 -1.74 20.95
N THR A 300 16.62 -1.56 20.30
CA THR A 300 17.70 -2.52 20.38
C THR A 300 18.97 -1.84 19.90
N ASP A 301 20.10 -2.41 20.29
CA ASP A 301 21.40 -2.01 19.77
C ASP A 301 21.86 -2.87 18.59
N ASP A 302 21.02 -3.80 18.13
CA ASP A 302 21.38 -4.72 17.04
C ASP A 302 21.54 -4.02 15.70
N PHE A 303 20.95 -2.84 15.52
CA PHE A 303 20.99 -2.14 14.25
C PHE A 303 20.61 -0.69 14.48
N ASP A 304 20.87 0.14 13.47
CA ASP A 304 20.59 1.57 13.55
C ASP A 304 19.08 1.84 13.67
N ILE A 305 18.71 2.76 14.56
CA ILE A 305 17.35 3.28 14.66
C ILE A 305 17.41 4.80 14.55
N PHE A 306 16.73 5.37 13.56
CA PHE A 306 16.74 6.82 13.33
C PHE A 306 15.41 7.43 13.73
N ILE A 307 15.46 8.49 14.54
CA ILE A 307 14.25 9.20 14.92
C ILE A 307 13.86 10.13 13.78
N THR A 308 12.60 10.07 13.35
CA THR A 308 12.13 10.95 12.29
C THR A 308 11.41 12.19 12.83
N TRP A 309 10.64 12.05 13.90
CA TRP A 309 10.05 13.19 14.60
C TRP A 309 9.91 12.81 16.07
N SER A 310 9.87 13.83 16.93
CA SER A 310 9.58 13.62 18.36
C SER A 310 8.84 14.84 18.86
N ASP A 311 7.66 14.63 19.44
CA ASP A 311 6.93 15.75 20.01
C ASP A 311 7.57 16.22 21.30
N SER A 312 8.20 15.33 22.05
CA SER A 312 8.83 15.68 23.32
C SER A 312 10.15 16.40 23.12
N HIS A 313 10.94 15.96 22.15
CA HIS A 313 12.27 16.52 21.90
C HIS A 313 12.46 16.71 20.41
N PRO A 314 11.85 17.75 19.84
CA PRO A 314 11.99 17.96 18.38
C PRO A 314 13.40 18.28 17.94
N GLU A 315 14.27 18.71 18.85
CA GLU A 315 15.68 18.93 18.52
C GLU A 315 16.38 17.63 18.15
N MET A 316 15.77 16.48 18.46
CA MET A 316 16.37 15.18 18.21
C MET A 316 15.87 14.55 16.91
N ALA A 317 14.97 15.22 16.19
CA ALA A 317 14.51 14.70 14.92
C ALA A 317 15.69 14.46 13.98
N GLU A 318 15.57 13.41 13.16
CA GLU A 318 16.55 13.02 12.14
C GLU A 318 17.89 12.56 12.73
N GLN A 319 17.92 12.12 13.99
CA GLN A 319 19.15 11.67 14.61
C GLN A 319 19.06 10.18 14.96
N LEU A 320 20.23 9.56 15.04
CA LEU A 320 20.37 8.16 15.38
C LEU A 320 20.14 7.95 16.88
N LEU A 321 19.33 6.95 17.24
CA LEU A 321 18.98 6.76 18.64
C LEU A 321 20.24 6.59 19.50
N ALA A 322 21.23 5.86 18.98
CA ALA A 322 22.48 5.64 19.72
C ALA A 322 23.23 6.94 19.98
N ASP A 323 23.21 7.87 19.01
CA ASP A 323 23.82 9.18 19.22
C ASP A 323 23.05 10.00 20.23
N ILE A 324 21.71 9.91 20.19
CA ILE A 324 20.89 10.65 21.14
C ILE A 324 21.18 10.17 22.56
N ALA A 325 21.20 8.84 22.74
CA ALA A 325 21.50 8.27 24.05
C ALA A 325 22.86 8.74 24.55
N LYS A 326 23.86 8.81 23.68
CA LYS A 326 25.19 9.23 24.12
C LYS A 326 25.20 10.70 24.54
N GLN A 327 24.60 11.58 23.72
CA GLN A 327 24.46 12.99 24.13
C GLN A 327 23.72 13.13 25.45
N TRP A 328 22.75 12.26 25.71
CA TRP A 328 21.95 12.37 26.93
C TRP A 328 22.55 11.62 28.12
N GLY A 329 23.52 10.74 27.91
CA GLY A 329 24.14 9.98 28.99
C GLY A 329 23.30 8.86 29.56
N ILE A 330 22.34 8.33 28.80
CA ILE A 330 21.45 7.30 29.29
C ILE A 330 21.37 6.18 28.25
N SER A 331 20.67 5.11 28.60
CA SER A 331 20.59 3.95 27.71
C SER A 331 19.70 4.24 26.50
N LEU A 332 19.83 3.40 25.46
CA LEU A 332 18.93 3.50 24.31
C LEU A 332 17.47 3.47 24.74
N LEU A 333 17.13 2.53 25.62
CA LEU A 333 15.74 2.39 26.05
C LEU A 333 15.28 3.60 26.84
N ASP A 334 16.13 4.13 27.74
CA ASP A 334 15.73 5.29 28.51
C ASP A 334 15.60 6.52 27.62
N ALA A 335 16.49 6.66 26.62
CA ALA A 335 16.35 7.76 25.67
C ALA A 335 15.06 7.62 24.89
N ALA A 336 14.73 6.40 24.46
CA ALA A 336 13.47 6.17 23.76
C ALA A 336 12.27 6.55 24.60
N LYS A 337 12.27 6.19 25.89
CA LYS A 337 11.17 6.59 26.76
C LYS A 337 10.99 8.11 26.76
N GLN A 338 12.08 8.86 26.84
CA GLN A 338 11.94 10.32 26.87
C GLN A 338 11.60 10.92 25.52
N LEU A 339 11.86 10.20 24.42
CA LEU A 339 11.55 10.73 23.08
C LEU A 339 10.08 10.58 22.73
N GLN A 340 9.39 9.60 23.34
CA GLN A 340 8.00 9.33 22.98
C GLN A 340 7.12 10.53 23.35
N PRO A 341 6.07 10.79 22.55
CA PRO A 341 5.72 10.14 21.28
C PRO A 341 6.66 10.56 20.15
N ALA A 342 7.01 9.61 19.27
CA ALA A 342 8.00 9.88 18.23
C ALA A 342 7.82 8.87 17.10
N GLY A 343 8.43 9.16 15.96
CA GLY A 343 8.47 8.23 14.86
C GLY A 343 9.88 7.72 14.64
N ALA A 344 10.05 6.58 13.99
CA ALA A 344 11.39 6.05 13.82
C ALA A 344 11.47 5.26 12.52
N VAL A 345 12.68 5.17 11.99
CA VAL A 345 13.02 4.20 10.95
C VAL A 345 13.96 3.18 11.60
N TYR A 346 13.61 1.91 11.50
CA TYR A 346 14.36 0.81 12.09
C TYR A 346 15.09 0.06 10.98
N HIS A 347 16.41 0.04 11.02
CA HIS A 347 17.15 -0.68 9.98
C HIS A 347 17.32 -2.14 10.37
N GLY A 348 16.18 -2.79 10.57
CA GLY A 348 16.15 -4.11 11.19
C GLY A 348 15.84 -5.28 10.30
N LEU A 349 15.84 -5.10 8.98
CA LEU A 349 15.64 -6.20 8.03
C LEU A 349 16.95 -6.53 7.34
N ASN A 350 16.98 -7.71 6.72
CA ASN A 350 18.16 -8.22 6.03
C ASN A 350 17.91 -8.16 4.53
N GLU A 351 18.89 -7.65 3.78
CA GLU A 351 18.66 -7.35 2.36
C GLU A 351 18.40 -8.62 1.55
N ASP A 352 19.09 -9.73 1.87
CA ASP A 352 18.85 -10.97 1.13
C ASP A 352 17.45 -11.50 1.40
N ASP A 353 16.95 -11.33 2.62
CA ASP A 353 15.55 -11.67 2.91
C ASP A 353 14.59 -10.84 2.05
N VAL A 354 14.83 -9.53 2.00
CA VAL A 354 13.99 -8.64 1.20
C VAL A 354 13.97 -9.07 -0.26
N LYS A 355 15.15 -9.36 -0.81
CA LYS A 355 15.23 -9.84 -2.20
C LYS A 355 14.42 -11.11 -2.42
N THR A 356 14.54 -12.08 -1.51
CA THR A 356 13.78 -13.32 -1.65
C THR A 356 12.28 -13.07 -1.57
N ILE A 357 11.85 -12.21 -0.64
CA ILE A 357 10.42 -11.92 -0.53
C ILE A 357 9.92 -11.15 -1.76
N LEU A 358 10.71 -10.19 -2.25
CA LEU A 358 10.32 -9.49 -3.48
C LEU A 358 10.25 -10.44 -4.66
N ALA A 359 11.15 -11.43 -4.72
CA ALA A 359 11.20 -12.33 -5.86
C ALA A 359 10.08 -13.35 -5.87
N PHE A 360 9.54 -13.68 -4.69
CA PHE A 360 8.41 -14.61 -4.56
C PHE A 360 7.26 -14.21 -5.48
N ASP A 361 6.75 -15.18 -6.25
CA ASP A 361 5.75 -14.80 -7.25
C ASP A 361 4.40 -14.39 -6.65
N LYS A 362 4.13 -14.65 -5.37
CA LYS A 362 2.89 -14.16 -4.78
C LYS A 362 2.94 -12.69 -4.36
N THR A 363 4.13 -12.08 -4.32
CA THR A 363 4.34 -10.80 -3.64
C THR A 363 4.03 -9.64 -4.60
N MET A 364 3.05 -8.81 -4.23
CA MET A 364 2.78 -7.53 -4.86
C MET A 364 3.63 -6.43 -4.22
N ILE A 365 3.80 -5.33 -4.94
CA ILE A 365 4.56 -4.20 -4.42
C ILE A 365 3.59 -3.24 -3.73
N GLY A 366 3.90 -2.89 -2.47
CA GLY A 366 3.14 -1.90 -1.73
C GLY A 366 4.10 -0.97 -1.02
N SER A 367 3.82 0.34 -1.00
CA SER A 367 4.82 1.28 -0.47
C SER A 367 4.85 1.34 1.05
N ALA A 368 3.71 1.17 1.72
CA ALA A 368 3.59 1.42 3.17
C ALA A 368 4.04 2.82 3.54
N GLY A 369 3.87 3.77 2.62
CA GLY A 369 4.27 5.14 2.89
C GLY A 369 3.40 5.76 3.96
N LEU A 370 4.02 6.54 4.85
CA LEU A 370 3.36 7.20 5.97
C LEU A 370 3.23 8.68 5.63
N PRO A 371 2.06 9.13 5.17
CA PRO A 371 1.98 10.49 4.60
C PRO A 371 1.98 11.60 5.64
N CYS A 372 1.73 11.31 6.92
CA CYS A 372 1.79 12.35 7.95
C CYS A 372 3.16 12.50 8.58
N ASP A 373 4.13 11.69 8.19
CA ASP A 373 5.46 11.75 8.77
C ASP A 373 6.19 12.99 8.24
N PRO A 374 6.67 13.90 9.10
CA PRO A 374 7.40 15.08 8.59
C PRO A 374 8.73 14.74 7.95
N HIS A 375 9.33 13.59 8.29
CA HIS A 375 10.55 13.11 7.62
C HIS A 375 10.31 11.64 7.29
N PRO A 376 9.57 11.35 6.23
CA PRO A 376 9.10 9.99 6.01
C PRO A 376 10.21 9.05 5.58
N HIS A 377 10.01 7.76 5.86
CA HIS A 377 10.80 6.72 5.22
C HIS A 377 10.72 6.90 3.70
N PRO A 378 11.85 6.78 2.98
CA PRO A 378 11.85 7.07 1.54
C PRO A 378 10.95 6.17 0.69
N ARG A 379 10.42 5.06 1.24
CA ARG A 379 9.45 4.27 0.48
C ARG A 379 8.24 5.08 0.06
N LEU A 380 7.93 6.17 0.77
CA LEU A 380 6.78 6.99 0.38
C LEU A 380 6.97 7.59 -1.00
N TRP A 381 8.21 7.87 -1.39
CA TRP A 381 8.52 8.51 -2.66
C TRP A 381 9.29 7.64 -3.65
N GLY A 382 9.81 6.48 -3.23
CA GLY A 382 10.64 5.74 -4.16
C GLY A 382 10.31 4.28 -4.42
N SER A 383 9.30 3.71 -3.75
CA SER A 383 9.12 2.24 -3.80
C SER A 383 9.02 1.71 -5.22
N PHE A 384 8.18 2.33 -6.06
CA PHE A 384 7.90 1.62 -7.31
C PHE A 384 9.04 1.77 -8.31
N PRO A 385 9.63 2.96 -8.48
CA PRO A 385 10.85 3.03 -9.31
C PRO A 385 12.04 2.32 -8.68
N ARG A 386 12.07 2.14 -7.35
CA ARG A 386 13.12 1.30 -6.78
C ARG A 386 13.01 -0.13 -7.27
N VAL A 387 11.78 -0.68 -7.36
CA VAL A 387 11.63 -2.04 -7.85
C VAL A 387 12.07 -2.12 -9.31
N LEU A 388 11.63 -1.16 -10.14
CA LEU A 388 11.91 -1.23 -11.58
C LEU A 388 13.38 -0.96 -11.88
N GLY A 389 14.00 -0.04 -11.15
CA GLY A 389 15.33 0.43 -11.51
C GLY A 389 16.44 -0.21 -10.69
N HIS A 390 16.22 -0.33 -9.38
CA HIS A 390 17.22 -0.94 -8.52
C HIS A 390 17.16 -2.48 -8.57
N TYR A 391 15.99 -3.06 -8.27
CA TYR A 391 15.93 -4.52 -8.15
C TYR A 391 15.85 -5.21 -9.50
N SER A 392 15.18 -4.62 -10.48
CA SER A 392 15.12 -5.25 -11.78
C SER A 392 16.35 -4.92 -12.60
N ARG A 393 16.52 -3.65 -12.99
CA ARG A 393 17.60 -3.32 -13.92
C ARG A 393 18.97 -3.51 -13.28
N GLU A 394 19.21 -2.91 -12.12
CA GLU A 394 20.56 -2.93 -11.56
C GLU A 394 20.90 -4.26 -10.91
N GLN A 395 20.03 -4.78 -10.06
CA GLN A 395 20.31 -6.02 -9.35
C GLN A 395 19.98 -7.27 -10.18
N GLY A 396 19.11 -7.16 -11.17
CA GLY A 396 18.74 -8.30 -11.98
C GLY A 396 17.98 -9.41 -11.29
N ILE A 397 17.26 -9.12 -10.19
CA ILE A 397 16.58 -10.24 -9.52
C ILE A 397 15.32 -10.67 -10.27
N PHE A 398 14.76 -9.81 -11.12
CA PHE A 398 13.68 -10.23 -12.01
C PHE A 398 13.67 -9.32 -13.22
N SER A 399 12.99 -9.79 -14.26
CA SER A 399 12.85 -9.02 -15.49
C SER A 399 11.96 -7.81 -15.26
N LEU A 400 12.05 -6.85 -16.17
CA LEU A 400 11.14 -5.72 -16.13
C LEU A 400 9.69 -6.15 -16.27
N ALA A 401 9.43 -7.13 -17.15
CA ALA A 401 8.06 -7.65 -17.28
C ALA A 401 7.54 -8.21 -15.96
N THR A 402 8.38 -8.98 -15.24
CA THR A 402 7.98 -9.50 -13.94
C THR A 402 7.73 -8.36 -12.95
N ALA A 403 8.65 -7.39 -12.88
CA ALA A 403 8.53 -6.29 -11.93
C ALA A 403 7.24 -5.50 -12.16
N ILE A 404 6.95 -5.18 -13.42
CA ILE A 404 5.73 -4.47 -13.76
C ILE A 404 4.50 -5.28 -13.38
N HIS A 405 4.51 -6.59 -13.66
CA HIS A 405 3.39 -7.48 -13.32
C HIS A 405 3.04 -7.38 -11.83
N LYS A 406 4.05 -7.31 -10.98
CA LYS A 406 3.84 -7.34 -9.54
C LYS A 406 3.35 -6.01 -8.97
N MET A 407 3.31 -4.94 -9.77
CA MET A 407 2.64 -3.70 -9.38
C MET A 407 1.45 -3.34 -10.26
N THR A 408 1.02 -4.22 -11.16
CA THR A 408 -0.10 -3.91 -12.03
C THR A 408 -1.08 -5.08 -12.09
N GLY A 409 -0.85 -6.02 -12.99
CA GLY A 409 -1.86 -7.04 -13.25
C GLY A 409 -2.08 -7.97 -12.08
N LEU A 410 -0.99 -8.34 -11.38
CA LEU A 410 -1.14 -9.21 -10.23
C LEU A 410 -1.98 -8.53 -9.16
N SER A 411 -1.76 -7.22 -8.98
CA SER A 411 -2.45 -6.51 -7.91
C SER A 411 -3.90 -6.26 -8.28
N ALA A 412 -4.19 -5.90 -9.52
CA ALA A 412 -5.57 -5.73 -9.95
C ALA A 412 -6.34 -7.03 -9.83
N ALA A 413 -5.71 -8.15 -10.17
CA ALA A 413 -6.38 -9.45 -10.03
C ALA A 413 -6.66 -9.76 -8.56
N ASN A 414 -5.67 -9.58 -7.69
CA ASN A 414 -5.85 -9.95 -6.28
C ASN A 414 -6.88 -9.08 -5.58
N TYR A 415 -7.00 -7.82 -5.97
CA TYR A 415 -7.98 -6.93 -5.37
C TYR A 415 -9.26 -6.80 -6.18
N ARG A 416 -9.37 -7.53 -7.30
CA ARG A 416 -10.57 -7.58 -8.11
C ARG A 416 -10.91 -6.21 -8.69
N LEU A 417 -9.88 -5.48 -9.12
CA LEU A 417 -10.04 -4.13 -9.67
C LEU A 417 -10.40 -4.25 -11.14
N ALA A 418 -11.68 -4.07 -11.44
CA ALA A 418 -12.20 -4.35 -12.76
C ALA A 418 -11.56 -3.45 -13.82
N ASN A 419 -11.09 -4.05 -14.91
CA ASN A 419 -10.60 -3.32 -16.07
C ASN A 419 -9.41 -2.41 -15.77
N ARG A 420 -8.59 -2.77 -14.79
CA ARG A 420 -7.39 -2.01 -14.50
C ARG A 420 -6.22 -2.97 -14.40
N GLY A 421 -5.02 -2.40 -14.36
CA GLY A 421 -3.79 -3.15 -14.20
C GLY A 421 -3.30 -3.84 -15.45
N VAL A 422 -4.00 -3.70 -16.57
CA VAL A 422 -3.68 -4.43 -17.80
C VAL A 422 -3.86 -3.51 -19.01
N ILE A 423 -2.89 -3.53 -19.92
CA ILE A 423 -3.01 -2.80 -21.18
C ILE A 423 -3.73 -3.73 -22.15
N LYS A 424 -5.03 -3.51 -22.31
CA LYS A 424 -5.92 -4.32 -23.14
C LYS A 424 -7.04 -3.41 -23.61
N VAL A 425 -7.49 -3.61 -24.85
CA VAL A 425 -8.55 -2.76 -25.39
C VAL A 425 -9.77 -2.87 -24.50
N GLY A 426 -10.37 -1.73 -24.16
CA GLY A 426 -11.52 -1.69 -23.28
C GLY A 426 -11.20 -1.52 -21.80
N HIS A 427 -9.94 -1.63 -21.40
CA HIS A 427 -9.56 -1.36 -20.02
C HIS A 427 -9.33 0.13 -19.82
N PHE A 428 -9.35 0.55 -18.56
CA PHE A 428 -9.13 1.96 -18.27
C PHE A 428 -7.70 2.37 -18.64
N ALA A 429 -7.58 3.62 -19.10
CA ALA A 429 -6.29 4.16 -19.52
C ALA A 429 -5.56 4.79 -18.33
N ASP A 430 -5.28 3.95 -17.33
CA ASP A 430 -4.29 4.25 -16.29
C ASP A 430 -2.97 3.77 -16.84
N LEU A 431 -2.03 4.67 -17.11
CA LEU A 431 -0.83 4.30 -17.85
C LEU A 431 0.38 5.06 -17.35
N VAL A 432 1.57 4.47 -17.50
CA VAL A 432 2.82 5.14 -17.17
C VAL A 432 3.82 4.96 -18.30
N LEU A 433 4.33 6.08 -18.81
CA LEU A 433 5.38 6.12 -19.82
C LEU A 433 6.71 6.44 -19.12
N PHE A 434 7.70 5.58 -19.31
CA PHE A 434 8.95 5.74 -18.58
C PHE A 434 10.13 5.22 -19.41
N ASP A 435 11.33 5.58 -18.98
CA ASP A 435 12.56 5.18 -19.64
C ASP A 435 13.17 4.05 -18.81
N ALA A 436 13.22 2.85 -19.40
CA ALA A 436 13.60 1.67 -18.62
C ALA A 436 15.04 1.72 -18.14
N ASP A 437 15.90 2.45 -18.87
CA ASP A 437 17.31 2.54 -18.51
C ASP A 437 17.58 3.63 -17.49
N GLU A 438 16.68 4.61 -17.33
CA GLU A 438 16.95 5.68 -16.40
C GLU A 438 16.03 5.68 -15.18
N ILE A 439 14.97 4.89 -15.18
CA ILE A 439 14.04 4.93 -14.05
C ILE A 439 14.75 4.47 -12.79
N ILE A 440 14.62 5.25 -11.72
CA ILE A 440 15.30 4.93 -10.47
C ILE A 440 14.67 5.78 -9.37
N ASP A 441 14.66 5.24 -8.16
CA ASP A 441 14.29 6.02 -6.98
C ASP A 441 15.42 6.98 -6.63
N ASN A 442 15.06 8.18 -6.19
CA ASN A 442 16.04 9.13 -5.70
C ASN A 442 15.92 9.42 -4.20
N ALA A 443 14.80 9.06 -3.58
CA ALA A 443 14.64 9.30 -2.16
C ALA A 443 15.62 8.42 -1.37
N THR A 444 16.32 9.02 -0.42
CA THR A 444 17.24 8.34 0.47
C THR A 444 16.76 8.52 1.91
N PHE A 445 17.39 7.79 2.84
CA PHE A 445 16.97 7.95 4.22
C PHE A 445 17.23 9.37 4.71
N VAL A 446 18.22 10.06 4.15
CA VAL A 446 18.47 11.44 4.53
C VAL A 446 17.59 12.43 3.76
N GLU A 447 17.52 12.28 2.43
CA GLU A 447 16.68 13.15 1.60
C GLU A 447 15.49 12.34 1.10
N SER A 448 14.48 12.22 1.93
CA SER A 448 13.50 11.16 1.75
C SER A 448 12.33 11.54 0.87
N ALA A 449 12.27 12.78 0.37
CA ALA A 449 11.17 13.19 -0.49
C ALA A 449 11.62 13.50 -1.92
N LEU A 450 12.85 13.17 -2.30
CA LEU A 450 13.29 13.44 -3.66
C LEU A 450 12.47 12.60 -4.64
N PRO A 451 11.90 13.20 -5.67
CA PRO A 451 11.10 12.44 -6.63
C PRO A 451 11.97 11.56 -7.51
N ALA A 452 11.36 10.49 -8.00
CA ALA A 452 12.07 9.52 -8.81
C ALA A 452 12.43 10.11 -10.17
N SER A 453 13.38 9.47 -10.84
CA SER A 453 13.74 9.84 -12.20
C SER A 453 13.17 8.80 -13.17
N GLY A 454 13.06 9.20 -14.42
CA GLY A 454 12.73 8.29 -15.49
C GLY A 454 11.27 8.20 -15.84
N ILE A 455 10.38 8.84 -15.09
CA ILE A 455 8.96 8.82 -15.42
C ILE A 455 8.66 10.01 -16.32
N HIS A 456 8.21 9.74 -17.55
CA HIS A 456 7.91 10.82 -18.48
C HIS A 456 6.48 11.32 -18.38
N GLN A 457 5.51 10.43 -18.26
CA GLN A 457 4.11 10.85 -18.30
C GLN A 457 3.25 9.79 -17.63
N VAL A 458 2.21 10.25 -16.92
CA VAL A 458 1.27 9.36 -16.24
C VAL A 458 -0.14 9.78 -16.65
N TRP A 459 -0.99 8.80 -16.95
CA TRP A 459 -2.40 9.03 -17.20
C TRP A 459 -3.21 8.29 -16.16
N THR A 460 -4.24 8.95 -15.63
CA THR A 460 -5.22 8.31 -14.75
C THR A 460 -6.56 8.41 -15.45
N ASN A 461 -7.13 7.26 -15.80
CA ASN A 461 -8.40 7.22 -16.54
C ASN A 461 -8.34 8.12 -17.78
N GLY A 462 -7.23 8.02 -18.51
CA GLY A 462 -7.11 8.71 -19.78
C GLY A 462 -6.72 10.17 -19.71
N GLN A 463 -6.57 10.76 -18.52
CA GLN A 463 -6.23 12.16 -18.40
C GLN A 463 -4.85 12.30 -17.78
N THR A 464 -4.03 13.22 -18.28
CA THR A 464 -2.63 13.30 -17.85
C THR A 464 -2.53 13.89 -16.45
N THR A 465 -1.96 13.12 -15.52
CA THR A 465 -1.75 13.58 -14.16
C THR A 465 -0.29 13.91 -13.85
N PHE A 466 0.61 13.60 -14.77
CA PHE A 466 2.02 13.89 -14.57
C PHE A 466 2.66 13.99 -15.94
N LYS A 467 3.45 15.04 -16.16
CA LYS A 467 4.13 15.19 -17.45
C LYS A 467 5.36 16.06 -17.25
N ASP A 468 6.53 15.55 -17.63
CA ASP A 468 7.78 16.29 -17.64
C ASP A 468 8.00 17.05 -16.32
N LYS A 469 8.00 16.29 -15.23
CA LYS A 469 8.25 16.69 -13.84
C LYS A 469 7.08 17.45 -13.22
N ARG A 470 6.01 17.74 -13.96
CA ARG A 470 4.87 18.47 -13.40
C ARG A 470 3.81 17.47 -12.93
N VAL A 471 3.37 17.62 -11.68
CA VAL A 471 2.15 16.95 -11.23
C VAL A 471 0.97 17.83 -11.63
N LEU A 472 0.00 17.24 -12.34
CA LEU A 472 -1.08 18.03 -12.94
C LEU A 472 -2.41 17.71 -12.28
N PRO A 473 -3.21 18.72 -11.92
CA PRO A 473 -4.48 18.43 -11.23
C PRO A 473 -5.59 18.02 -12.18
N ALA A 474 -5.36 16.93 -12.92
CA ALA A 474 -6.47 16.35 -13.70
C ALA A 474 -7.59 15.91 -12.79
N TYR A 475 -7.24 15.37 -11.62
CA TYR A 475 -8.17 14.82 -10.64
C TYR A 475 -9.14 13.86 -11.31
N SER A 476 -8.59 12.97 -12.14
CA SER A 476 -9.39 12.04 -12.91
C SER A 476 -9.55 10.68 -12.21
N GLY A 477 -9.05 10.53 -10.99
CA GLY A 477 -9.25 9.27 -10.29
C GLY A 477 -10.72 9.02 -9.97
N GLN A 478 -11.06 7.75 -9.77
CA GLN A 478 -12.41 7.36 -9.37
C GLN A 478 -12.35 6.58 -8.06
N PHE A 479 -13.44 6.63 -7.29
CA PHE A 479 -13.56 5.69 -6.18
C PHE A 479 -14.01 4.34 -6.71
N LEU A 480 -13.28 3.29 -6.35
CA LEU A 480 -13.48 1.97 -6.94
C LEU A 480 -14.32 1.15 -5.97
N THR A 481 -15.64 1.21 -6.14
CA THR A 481 -16.57 0.49 -5.28
C THR A 481 -16.47 -1.02 -5.50
N SER A 482 -16.55 -1.77 -4.39
CA SER A 482 -16.44 -3.22 -4.47
C SER A 482 -17.58 -3.82 -5.30
N LEU A 483 -17.28 -4.95 -5.93
CA LEU A 483 -18.28 -5.62 -6.77
C LEU A 483 -19.27 -6.43 -5.97
N GLY A 484 -18.96 -6.75 -4.71
CA GLY A 484 -19.88 -7.57 -3.95
C GLY A 484 -19.91 -8.99 -4.50
N ALA A 485 -20.97 -9.71 -4.12
CA ALA A 485 -21.10 -11.10 -4.52
C ALA A 485 -21.65 -11.22 -5.94
N SER A 486 -21.68 -12.45 -6.43
CA SER A 486 -22.18 -12.82 -7.76
C SER A 486 -23.33 -11.96 -8.28
C1 CIT B . 2.87 -0.51 8.34
O1 CIT B . 2.08 -0.13 7.44
O2 CIT B . 2.42 -1.07 9.37
C2 CIT B . 4.37 -0.30 8.18
C3 CIT B . 5.19 -1.19 9.11
O7 CIT B . 4.57 -2.43 9.24
C4 CIT B . 5.30 -0.52 10.47
C5 CIT B . 6.19 -1.30 11.43
O3 CIT B . 7.43 -1.05 11.48
O4 CIT B . 5.70 -2.19 12.17
C6 CIT B . 6.59 -1.37 8.52
O5 CIT B . 7.39 -0.40 8.50
O6 CIT B . 6.92 -2.49 8.06
ZN ZN C . 1.04 -2.71 8.85
#